data_4C59
#
_entry.id   4C59
#
_cell.length_a   174.268
_cell.length_b   37.753
_cell.length_c   75.546
_cell.angle_alpha   90.00
_cell.angle_beta   111.46
_cell.angle_gamma   90.00
#
_symmetry.space_group_name_H-M   'C 1 2 1'
#
loop_
_entity.id
_entity.type
_entity.pdbx_description
1 polymer 'Cyclin-G-associated kinase'
2 polymer NANOBODY
3 non-polymer "(2Z,3E)-2,3'-BIINDOLE-2',3(1H,1'H)-DIONE 3-{O-[(3R)-3,4-DIHYDROXYBUTYL]OXIME}"
4 water water
#
loop_
_entity_poly.entity_id
_entity_poly.type
_entity_poly.pdbx_seq_one_letter_code
_entity_poly.pdbx_strand_id
1 'polypeptide(L)'
;SMPGSLGGASGRDQSDFVGQTVELGELRLRVRRVLAEGGFAFVYEAQDVGSGREYALKRLLSNEEEKNRAIIQEVCFMKK
LSGHPNIVQFCSAASIGKEESDTGQAEFLLLTELCKGQLVEFLKKMESRGPLSCDTVLKIFYQTCRAVQHMHRQKPPIIH
RDLKVENLLLSNQGTIKLCDFGSATTISHYPDYSWSAQRRALVEEEITRNTTPMYRTPEIIDLYSNFPIGEKQDIWALGC
ILYLLCFRQHPFEDGAKLRIVNGKYSIPPHDTQYTVFHSLIRAMLQVNPEERLSIAEVVHQLQEIAAARNVNPKSPITEL
LEQNGGYGSATLSRGPPPPV
;
A
2 'polypeptide(L)'
;QVQLQESGGGSVQAGGSLRLSCGASEYTSRMGWFRQAPGAEREGVACIHRQSNLSYYSDSVRGRFTISQDNAKTTAFLLM
SSLKPEDTAIYYCATTTDCAAFVERATAITAGQGTQVTVSSAAAYPYDVPDYGSHHHHHH
;
B
#
# COMPACT_ATOMS: atom_id res chain seq x y z
N ASP A 16 -15.03 26.13 -23.73
CA ASP A 16 -15.38 25.91 -25.17
C ASP A 16 -14.32 25.07 -25.89
N PHE A 17 -13.91 23.97 -25.25
CA PHE A 17 -12.92 23.05 -25.83
C PHE A 17 -13.58 21.77 -26.38
N VAL A 18 -14.76 21.46 -25.87
CA VAL A 18 -15.51 20.28 -26.31
C VAL A 18 -16.07 20.52 -27.72
N GLY A 19 -16.08 19.46 -28.52
CA GLY A 19 -16.55 19.52 -29.90
C GLY A 19 -15.42 19.42 -30.90
N GLN A 20 -14.21 19.77 -30.46
CA GLN A 20 -13.03 19.77 -31.31
C GLN A 20 -12.45 18.37 -31.44
N THR A 21 -11.80 18.11 -32.58
CA THR A 21 -11.05 16.89 -32.81
C THR A 21 -9.56 17.23 -32.74
N VAL A 22 -8.83 16.56 -31.85
CA VAL A 22 -7.45 16.91 -31.53
C VAL A 22 -6.47 15.82 -31.94
N GLU A 23 -5.38 16.22 -32.58
CA GLU A 23 -4.31 15.30 -32.94
C GLU A 23 -3.38 15.08 -31.74
N LEU A 24 -2.99 13.83 -31.53
CA LEU A 24 -2.12 13.48 -30.44
C LEU A 24 -1.29 12.28 -30.89
N GLY A 25 -0.08 12.56 -31.36
CA GLY A 25 0.67 11.63 -32.20
C GLY A 25 -0.15 11.30 -33.44
N GLU A 26 -0.27 10.01 -33.74
CA GLU A 26 -1.07 9.54 -34.88
C GLU A 26 -2.50 9.19 -34.43
N LEU A 27 -2.90 9.68 -33.26
CA LEU A 27 -4.28 9.52 -32.81
C LEU A 27 -5.10 10.77 -33.10
N ARG A 28 -6.33 10.57 -33.52
CA ARG A 28 -7.25 11.66 -33.82
C ARG A 28 -8.47 11.52 -32.93
N LEU A 29 -8.63 12.45 -31.99
CA LEU A 29 -9.53 12.29 -30.85
C LEU A 29 -10.61 13.38 -30.76
N ARG A 30 -11.88 12.99 -30.74
CA ARG A 30 -12.98 13.95 -30.63
C ARG A 30 -13.34 14.15 -29.16
N VAL A 31 -13.33 15.42 -28.74
CA VAL A 31 -13.52 15.77 -27.33
C VAL A 31 -15.02 15.74 -26.97
N ARG A 32 -15.49 14.60 -26.44
CA ARG A 32 -16.92 14.36 -26.18
C ARG A 32 -17.54 15.23 -25.07
N ARG A 33 -16.93 15.28 -23.89
CA ARG A 33 -17.46 16.10 -22.78
C ARG A 33 -16.49 16.28 -21.61
N VAL A 34 -16.87 17.16 -20.68
CA VAL A 34 -16.09 17.42 -19.48
C VAL A 34 -16.46 16.45 -18.37
N LEU A 35 -15.48 15.70 -17.88
CA LEU A 35 -15.68 14.79 -16.77
C LEU A 35 -15.40 15.51 -15.47
N ALA A 36 -14.29 16.25 -15.40
CA ALA A 36 -13.94 16.99 -14.19
C ALA A 36 -13.16 18.27 -14.48
N GLU A 37 -13.20 19.21 -13.53
CA GLU A 37 -12.46 20.47 -13.65
C GLU A 37 -11.57 20.74 -12.41
N GLY A 38 -11.66 21.94 -11.82
CA GLY A 38 -10.82 22.29 -10.67
C GLY A 38 -9.90 23.44 -11.01
N GLY A 39 -8.69 23.43 -10.44
CA GLY A 39 -7.73 24.52 -10.62
C GLY A 39 -6.89 24.40 -11.87
N PHE A 40 -5.79 23.65 -11.77
CA PHE A 40 -4.87 23.55 -12.89
C PHE A 40 -5.61 23.11 -14.14
N ALA A 41 -6.33 21.99 -14.06
CA ALA A 41 -6.71 21.24 -15.26
C ALA A 41 -8.19 20.98 -15.47
N PHE A 42 -8.51 20.52 -16.68
CA PHE A 42 -9.79 19.90 -17.01
C PHE A 42 -9.53 18.47 -17.47
N VAL A 43 -10.47 17.58 -17.20
CA VAL A 43 -10.44 16.24 -17.76
C VAL A 43 -11.64 16.04 -18.68
N TYR A 44 -11.39 15.41 -19.82
CA TYR A 44 -12.42 15.22 -20.83
C TYR A 44 -12.54 13.76 -21.21
N GLU A 45 -13.75 13.34 -21.57
CA GLU A 45 -13.93 12.10 -22.29
C GLU A 45 -13.62 12.41 -23.75
N ALA A 46 -12.84 11.53 -24.38
CA ALA A 46 -12.46 11.69 -25.78
C ALA A 46 -12.57 10.36 -26.52
N GLN A 47 -12.76 10.44 -27.82
CA GLN A 47 -12.92 9.26 -28.64
C GLN A 47 -12.03 9.34 -29.88
N ASP A 48 -11.21 8.31 -30.09
CA ASP A 48 -10.43 8.22 -31.31
C ASP A 48 -11.36 8.08 -32.52
N VAL A 49 -11.39 9.11 -33.37
CA VAL A 49 -12.31 9.13 -34.50
C VAL A 49 -12.15 7.88 -35.39
N GLY A 50 -10.90 7.54 -35.72
CA GLY A 50 -10.62 6.40 -36.59
C GLY A 50 -11.01 5.06 -36.02
N SER A 51 -10.49 4.74 -34.83
CA SER A 51 -10.67 3.44 -34.18
C SER A 51 -11.98 3.33 -33.36
N GLY A 52 -12.54 4.48 -32.94
CA GLY A 52 -13.70 4.48 -32.04
C GLY A 52 -13.38 4.25 -30.56
N ARG A 53 -12.11 3.98 -30.25
CA ARG A 53 -11.67 3.72 -28.86
C ARG A 53 -11.79 4.96 -27.97
N GLU A 54 -12.12 4.73 -26.70
CA GLU A 54 -12.34 5.82 -25.75
C GLU A 54 -11.20 5.99 -24.73
N TYR A 55 -11.02 7.24 -24.29
CA TYR A 55 -9.96 7.62 -23.39
C TYR A 55 -10.41 8.72 -22.44
N ALA A 56 -9.63 8.91 -21.38
CA ALA A 56 -9.67 10.12 -20.61
C ALA A 56 -8.57 10.99 -21.16
N LEU A 57 -8.86 12.28 -21.31
CA LEU A 57 -7.87 13.25 -21.77
C LEU A 57 -7.81 14.37 -20.76
N LYS A 58 -6.67 14.53 -20.12
CA LYS A 58 -6.46 15.62 -19.19
C LYS A 58 -5.68 16.72 -19.88
N ARG A 59 -6.27 17.92 -19.91
CA ARG A 59 -5.61 19.09 -20.49
C ARG A 59 -5.19 20.01 -19.36
N LEU A 60 -3.89 20.26 -19.28
CA LEU A 60 -3.30 21.15 -18.27
C LEU A 60 -2.72 22.38 -18.95
N LEU A 61 -3.18 23.56 -18.56
CA LEU A 61 -2.76 24.82 -19.16
C LEU A 61 -1.77 25.52 -18.26
N SER A 62 -0.72 26.09 -18.84
CA SER A 62 0.33 26.75 -18.04
C SER A 62 0.83 28.04 -18.63
N ASN A 63 0.90 29.05 -17.77
CA ASN A 63 1.48 30.34 -18.08
C ASN A 63 2.83 30.54 -17.38
N GLU A 64 3.24 29.58 -16.55
CA GLU A 64 4.45 29.71 -15.73
C GLU A 64 5.40 28.55 -15.88
N GLU A 65 6.69 28.85 -15.75
CA GLU A 65 7.73 27.82 -15.88
C GLU A 65 7.68 26.85 -14.72
N GLU A 66 7.27 27.34 -13.57
CA GLU A 66 7.14 26.48 -12.41
C GLU A 66 6.02 25.46 -12.59
N LYS A 67 4.87 25.92 -13.10
CA LYS A 67 3.76 25.04 -13.48
C LYS A 67 4.18 24.07 -14.57
N ASN A 68 4.95 24.53 -15.54
CA ASN A 68 5.50 23.63 -16.56
C ASN A 68 6.22 22.45 -15.91
N ARG A 69 7.06 22.73 -14.92
CA ARG A 69 7.83 21.69 -14.25
C ARG A 69 6.92 20.75 -13.50
N ALA A 70 5.96 21.32 -12.76
CA ALA A 70 4.97 20.50 -12.06
C ALA A 70 4.24 19.59 -13.04
N ILE A 71 3.77 20.16 -14.15
CA ILE A 71 2.98 19.38 -15.08
C ILE A 71 3.80 18.25 -15.68
N ILE A 72 5.00 18.56 -16.15
CA ILE A 72 5.83 17.55 -16.80
C ILE A 72 6.22 16.46 -15.80
N GLN A 73 6.45 16.84 -14.55
CA GLN A 73 6.78 15.86 -13.52
C GLN A 73 5.61 14.90 -13.31
N GLU A 74 4.38 15.43 -13.25
CA GLU A 74 3.18 14.59 -13.09
C GLU A 74 3.09 13.56 -14.23
N VAL A 75 3.37 14.00 -15.45
CA VAL A 75 3.31 13.11 -16.62
C VAL A 75 4.37 12.03 -16.56
N CYS A 76 5.59 12.43 -16.19
CA CYS A 76 6.69 11.47 -16.01
C CYS A 76 6.37 10.40 -14.95
N PHE A 77 5.73 10.83 -13.88
CA PHE A 77 5.27 9.92 -12.83
C PHE A 77 4.24 8.98 -13.40
N MET A 78 3.29 9.48 -14.17
CA MET A 78 2.28 8.63 -14.76
C MET A 78 2.87 7.63 -15.72
N LYS A 79 3.81 8.05 -16.56
CA LYS A 79 4.51 7.11 -17.45
C LYS A 79 5.15 5.97 -16.68
N LYS A 80 5.81 6.31 -15.58
CA LYS A 80 6.62 5.34 -14.87
C LYS A 80 5.75 4.33 -14.16
N LEU A 81 4.67 4.81 -13.56
CA LEU A 81 3.83 3.98 -12.71
C LEU A 81 2.78 3.19 -13.50
N SER A 82 2.51 3.59 -14.74
CA SER A 82 1.60 2.86 -15.60
C SER A 82 2.04 1.41 -15.71
N GLY A 83 1.10 0.52 -15.98
CA GLY A 83 1.38 -0.90 -16.06
C GLY A 83 0.92 -1.65 -14.83
N HIS A 84 0.43 -0.93 -13.83
CA HIS A 84 -0.06 -1.58 -12.60
C HIS A 84 -1.58 -1.63 -12.62
N PRO A 85 -2.17 -2.74 -12.14
CA PRO A 85 -3.63 -2.89 -12.18
C PRO A 85 -4.39 -1.73 -11.56
N ASN A 86 -3.82 -1.09 -10.55
CA ASN A 86 -4.52 -0.07 -9.77
C ASN A 86 -4.06 1.36 -10.01
N ILE A 87 -3.31 1.58 -11.09
CA ILE A 87 -2.96 2.91 -11.57
C ILE A 87 -3.58 3.04 -12.94
N VAL A 88 -4.13 4.20 -13.27
CA VAL A 88 -4.68 4.41 -14.63
C VAL A 88 -3.58 4.18 -15.66
N GLN A 89 -3.94 3.56 -16.78
CA GLN A 89 -2.97 3.23 -17.80
C GLN A 89 -2.64 4.48 -18.61
N PHE A 90 -1.36 4.83 -18.66
CA PHE A 90 -0.87 5.91 -19.51
C PHE A 90 -0.90 5.44 -20.95
N CYS A 91 -1.49 6.23 -21.84
CA CYS A 91 -1.57 5.88 -23.26
C CYS A 91 -0.65 6.80 -24.08
N SER A 92 -0.77 8.11 -23.89
CA SER A 92 0.13 9.06 -24.55
C SER A 92 0.12 10.44 -23.88
N ALA A 93 1.01 11.31 -24.33
CA ALA A 93 1.03 12.71 -23.88
C ALA A 93 1.61 13.59 -24.97
N ALA A 94 1.23 14.86 -24.98
CA ALA A 94 1.74 15.79 -25.98
C ALA A 94 1.61 17.23 -25.53
N SER A 95 2.30 18.12 -26.21
CA SER A 95 2.28 19.54 -25.85
C SER A 95 2.13 20.47 -27.05
N ILE A 96 1.77 21.70 -26.74
CA ILE A 96 1.83 22.80 -27.69
C ILE A 96 2.39 24.00 -26.95
N GLY A 97 3.47 24.60 -27.48
CA GLY A 97 3.99 25.87 -26.96
C GLY A 97 2.96 26.98 -27.07
N LYS A 98 3.22 28.11 -26.43
CA LYS A 98 2.24 29.20 -26.36
C LYS A 98 2.00 29.83 -27.73
N GLU A 99 3.03 29.77 -28.57
CA GLU A 99 3.00 30.37 -29.90
C GLU A 99 1.94 29.71 -30.77
N GLU A 100 1.54 28.48 -30.40
CA GLU A 100 0.73 27.64 -31.27
C GLU A 100 -0.69 27.35 -30.78
N SER A 101 -1.08 27.85 -29.59
CA SER A 101 -2.39 27.48 -29.02
C SER A 101 -3.40 28.63 -28.93
N ASP A 102 -4.67 28.27 -28.93
CA ASP A 102 -5.78 29.22 -28.83
C ASP A 102 -6.08 29.62 -27.37
N THR A 103 -5.09 29.46 -26.49
CA THR A 103 -5.15 29.95 -25.12
C THR A 103 -4.11 31.05 -24.87
N GLY A 104 -3.06 31.09 -25.68
CA GLY A 104 -1.90 31.94 -25.42
C GLY A 104 -1.07 31.39 -24.26
N GLN A 105 -1.06 30.07 -24.14
CA GLN A 105 -0.53 29.38 -22.97
C GLN A 105 0.04 28.05 -23.39
N ALA A 106 0.95 27.53 -22.56
CA ALA A 106 1.46 26.18 -22.77
C ALA A 106 0.34 25.16 -22.50
N GLU A 107 0.19 24.20 -23.40
CA GLU A 107 -0.85 23.18 -23.34
C GLU A 107 -0.23 21.81 -23.19
N PHE A 108 -0.56 21.11 -22.12
CA PHE A 108 -0.12 19.73 -21.95
C PHE A 108 -1.34 18.81 -22.00
N LEU A 109 -1.23 17.80 -22.84
CA LEU A 109 -2.31 16.84 -23.04
C LEU A 109 -1.85 15.50 -22.49
N LEU A 110 -2.66 14.92 -21.63
CA LEU A 110 -2.39 13.61 -21.08
C LEU A 110 -3.53 12.65 -21.41
N LEU A 111 -3.19 11.56 -22.10
CA LEU A 111 -4.16 10.56 -22.53
C LEU A 111 -3.95 9.26 -21.75
N THR A 112 -5.02 8.74 -21.16
CA THR A 112 -4.97 7.49 -20.43
C THR A 112 -6.24 6.72 -20.61
N GLU A 113 -6.30 5.51 -20.07
CA GLU A 113 -7.52 4.75 -20.06
C GLU A 113 -8.64 5.59 -19.44
N LEU A 114 -9.87 5.38 -19.93
CA LEU A 114 -11.04 6.09 -19.41
C LEU A 114 -11.64 5.25 -18.31
N CYS A 115 -11.91 5.85 -17.16
CA CYS A 115 -12.51 5.11 -16.07
C CYS A 115 -13.99 5.44 -15.97
N LYS A 116 -14.71 4.58 -15.25
CA LYS A 116 -16.17 4.63 -15.14
C LYS A 116 -16.66 5.82 -14.33
N GLY A 117 -15.87 6.23 -13.34
CA GLY A 117 -16.23 7.41 -12.55
C GLY A 117 -15.34 7.57 -11.34
N GLN A 118 -15.52 8.70 -10.64
CA GLN A 118 -14.88 8.94 -9.34
C GLN A 118 -15.44 8.00 -8.28
N LEU A 119 -14.58 7.56 -7.36
CA LEU A 119 -15.00 6.62 -6.33
C LEU A 119 -16.10 7.19 -5.44
N VAL A 120 -15.98 8.47 -5.07
CA VAL A 120 -16.98 9.11 -4.21
C VAL A 120 -18.40 9.02 -4.81
N GLU A 121 -18.52 9.21 -6.11
CA GLU A 121 -19.84 9.09 -6.75
C GLU A 121 -20.48 7.74 -6.44
N PHE A 122 -19.71 6.66 -6.53
CA PHE A 122 -20.24 5.32 -6.23
C PHE A 122 -20.51 5.16 -4.74
N LEU A 123 -19.64 5.73 -3.91
CA LEU A 123 -19.87 5.73 -2.47
C LEU A 123 -21.16 6.48 -2.12
N LYS A 124 -21.39 7.64 -2.74
CA LYS A 124 -22.64 8.38 -2.50
C LYS A 124 -23.85 7.48 -2.75
N LYS A 125 -23.83 6.71 -3.84
CA LYS A 125 -24.97 5.89 -4.22
C LYS A 125 -25.16 4.67 -3.32
N MET A 126 -24.06 4.09 -2.85
CA MET A 126 -24.11 2.98 -1.88
C MET A 126 -24.58 3.46 -0.51
N GLU A 127 -24.32 4.72 -0.20
CA GLU A 127 -24.65 5.31 1.09
C GLU A 127 -26.11 5.08 1.48
N SER A 128 -26.98 5.08 0.46
CA SER A 128 -28.43 4.88 0.65
C SER A 128 -28.86 3.40 0.60
N ARG A 129 -27.98 2.51 1.01
CA ARG A 129 -28.26 1.08 0.99
C ARG A 129 -27.64 0.44 2.23
N GLY A 130 -27.34 1.28 3.22
CA GLY A 130 -26.68 0.88 4.44
C GLY A 130 -25.25 1.35 4.47
N PRO A 131 -24.57 1.16 5.61
CA PRO A 131 -23.11 1.31 5.71
C PRO A 131 -22.38 0.41 4.70
N LEU A 132 -21.19 0.80 4.27
CA LEU A 132 -20.44 -0.04 3.33
C LEU A 132 -20.17 -1.39 3.96
N SER A 133 -20.41 -2.45 3.20
CA SER A 133 -20.06 -3.78 3.64
C SER A 133 -18.58 -3.81 3.95
N CYS A 134 -18.20 -4.52 5.00
CA CYS A 134 -16.81 -4.64 5.38
C CYS A 134 -15.99 -5.25 4.23
N ASP A 135 -16.58 -6.23 3.55
CA ASP A 135 -15.92 -6.84 2.40
C ASP A 135 -15.59 -5.81 1.33
N THR A 136 -16.53 -4.89 1.08
CA THR A 136 -16.36 -3.91 0.05
C THR A 136 -15.32 -2.87 0.48
N VAL A 137 -15.33 -2.48 1.75
CA VAL A 137 -14.28 -1.61 2.28
C VAL A 137 -12.92 -2.26 2.12
N LEU A 138 -12.85 -3.55 2.41
CA LEU A 138 -11.61 -4.29 2.25
C LEU A 138 -11.09 -4.25 0.80
N LYS A 139 -11.96 -4.47 -0.16
CA LYS A 139 -11.56 -4.46 -1.57
C LYS A 139 -11.13 -3.07 -2.03
N ILE A 140 -11.88 -2.04 -1.63
CA ILE A 140 -11.52 -0.68 -1.97
C ILE A 140 -10.14 -0.36 -1.43
N PHE A 141 -9.91 -0.67 -0.15
CA PHE A 141 -8.71 -0.23 0.52
C PHE A 141 -7.50 -1.03 0.07
N TYR A 142 -7.67 -2.33 -0.11
CA TYR A 142 -6.55 -3.19 -0.54
C TYR A 142 -6.02 -2.70 -1.87
N GLN A 143 -6.93 -2.43 -2.78
CA GLN A 143 -6.57 -1.99 -4.10
C GLN A 143 -5.92 -0.61 -4.11
N THR A 144 -6.46 0.32 -3.32
CA THR A 144 -5.79 1.60 -3.07
C THR A 144 -4.35 1.39 -2.53
N CYS A 145 -4.18 0.49 -1.57
CA CYS A 145 -2.87 0.20 -0.96
C CYS A 145 -1.91 -0.50 -1.90
N ARG A 146 -2.43 -1.28 -2.83
CA ARG A 146 -1.54 -1.93 -3.77
C ARG A 146 -0.94 -0.89 -4.72
N ALA A 147 -1.72 0.16 -5.03
CA ALA A 147 -1.23 1.23 -5.90
C ALA A 147 -0.12 1.97 -5.21
N VAL A 148 -0.35 2.32 -3.95
CA VAL A 148 0.66 3.01 -3.14
C VAL A 148 1.93 2.16 -2.95
N GLN A 149 1.76 0.86 -2.72
CA GLN A 149 2.92 -0.03 -2.63
C GLN A 149 3.76 -0.03 -3.92
N HIS A 150 3.09 0.08 -5.07
CA HIS A 150 3.77 0.13 -6.37
C HIS A 150 4.64 1.37 -6.49
N MET A 151 4.22 2.46 -5.88
CA MET A 151 5.02 3.68 -5.85
C MET A 151 6.19 3.57 -4.85
N HIS A 152 5.93 2.96 -3.71
CA HIS A 152 6.94 2.85 -2.67
C HIS A 152 8.01 1.83 -3.04
N ARG A 153 7.71 0.95 -4.00
CA ARG A 153 8.66 -0.11 -4.41
C ARG A 153 9.63 0.34 -5.46
N GLN A 154 9.33 1.45 -6.11
CA GLN A 154 10.23 2.02 -7.08
C GLN A 154 11.54 2.33 -6.37
N LYS A 155 12.62 2.32 -7.14
CA LYS A 155 13.95 2.64 -6.62
C LYS A 155 14.47 3.81 -7.42
N PRO A 156 14.41 5.02 -6.85
CA PRO A 156 13.96 5.31 -5.49
C PRO A 156 12.43 5.30 -5.34
N PRO A 157 11.93 5.25 -4.08
CA PRO A 157 10.48 5.24 -3.83
C PRO A 157 9.83 6.53 -4.29
N ILE A 158 8.65 6.42 -4.87
CA ILE A 158 7.87 7.59 -5.22
C ILE A 158 6.85 7.84 -4.10
N ILE A 159 6.85 9.06 -3.58
CA ILE A 159 5.96 9.47 -2.50
C ILE A 159 4.80 10.26 -3.08
N HIS A 160 3.58 9.90 -2.71
CA HIS A 160 2.39 10.46 -3.36
C HIS A 160 2.04 11.82 -2.78
N ARG A 161 1.89 11.86 -1.46
CA ARG A 161 1.81 13.11 -0.67
C ARG A 161 0.45 13.81 -0.61
N ASP A 162 -0.47 13.43 -1.50
CA ASP A 162 -1.84 13.92 -1.47
C ASP A 162 -2.91 12.81 -1.62
N LEU A 163 -2.74 11.73 -0.88
CA LEU A 163 -3.73 10.66 -0.89
C LEU A 163 -5.02 11.08 -0.21
N LYS A 164 -6.12 10.97 -0.95
CA LYS A 164 -7.44 11.17 -0.38
C LYS A 164 -8.47 10.49 -1.25
N VAL A 165 -9.63 10.19 -0.66
CA VAL A 165 -10.61 9.33 -1.31
C VAL A 165 -11.21 9.96 -2.60
N GLU A 166 -11.25 11.30 -2.64
CA GLU A 166 -11.86 12.02 -3.77
C GLU A 166 -11.08 11.80 -5.05
N ASN A 167 -9.80 11.46 -4.91
CA ASN A 167 -8.91 11.36 -6.05
C ASN A 167 -8.95 9.99 -6.68
N LEU A 168 -9.54 9.04 -5.98
CA LEU A 168 -9.58 7.65 -6.44
C LEU A 168 -10.68 7.47 -7.48
N LEU A 169 -10.41 6.67 -8.50
CA LEU A 169 -11.43 6.31 -9.49
C LEU A 169 -11.75 4.81 -9.46
N LEU A 170 -12.85 4.48 -10.12
CA LEU A 170 -13.25 3.12 -10.35
C LEU A 170 -13.20 2.87 -11.87
N SER A 171 -12.46 1.84 -12.26
CA SER A 171 -12.32 1.45 -13.67
C SER A 171 -13.58 0.80 -14.20
N ASN A 172 -13.64 0.60 -15.51
CA ASN A 172 -14.77 -0.08 -16.13
C ASN A 172 -14.92 -1.50 -15.62
N GLN A 173 -13.81 -2.09 -15.17
CA GLN A 173 -13.81 -3.47 -14.66
C GLN A 173 -14.06 -3.52 -13.15
N GLY A 174 -14.45 -2.40 -12.54
CA GLY A 174 -14.75 -2.35 -11.12
C GLY A 174 -13.55 -2.42 -10.17
N THR A 175 -12.38 -1.97 -10.62
CA THR A 175 -11.22 -1.90 -9.72
C THR A 175 -10.77 -0.47 -9.49
N ILE A 176 -10.07 -0.26 -8.39
CA ILE A 176 -9.64 1.07 -7.99
C ILE A 176 -8.49 1.53 -8.86
N LYS A 177 -8.49 2.82 -9.20
CA LYS A 177 -7.42 3.44 -9.99
C LYS A 177 -7.03 4.77 -9.38
N LEU A 178 -5.74 4.87 -9.04
CA LEU A 178 -5.12 6.09 -8.57
C LEU A 178 -4.70 6.92 -9.80
N CYS A 179 -4.99 8.22 -9.78
CA CYS A 179 -4.82 9.07 -10.98
C CYS A 179 -4.14 10.43 -10.76
N ASP A 180 -3.94 10.83 -9.51
CA ASP A 180 -3.49 12.18 -9.17
C ASP A 180 -2.02 12.25 -8.76
N PHE A 181 -1.09 12.41 -9.69
CA PHE A 181 0.33 12.34 -9.32
C PHE A 181 1.03 13.67 -9.31
N GLY A 182 0.23 14.73 -9.15
CA GLY A 182 0.71 16.10 -9.27
C GLY A 182 1.37 16.60 -8.00
N SER A 183 1.26 15.85 -6.91
CA SER A 183 1.95 16.21 -5.67
C SER A 183 3.09 15.25 -5.36
N ALA A 184 3.24 14.21 -6.20
CA ALA A 184 4.23 13.17 -5.95
C ALA A 184 5.66 13.68 -6.08
N THR A 185 6.58 13.03 -5.35
CA THR A 185 7.99 13.42 -5.34
C THR A 185 8.88 12.21 -5.14
N THR A 186 10.15 12.39 -5.46
CA THR A 186 11.17 11.36 -5.21
C THR A 186 12.54 11.99 -5.33
N ILE A 187 13.58 11.18 -5.26
CA ILE A 187 14.95 11.65 -5.44
C ILE A 187 15.41 11.48 -6.89
N SER A 188 15.93 12.55 -7.48
CA SER A 188 16.49 12.50 -8.85
C SER A 188 17.96 12.14 -8.86
N HIS A 189 18.39 11.49 -9.94
CA HIS A 189 19.78 11.03 -10.09
C HIS A 189 20.17 10.08 -8.96
N TYR A 190 19.32 9.10 -8.71
CA TYR A 190 19.61 8.06 -7.72
C TYR A 190 20.50 6.99 -8.35
N PRO A 191 21.61 6.60 -7.67
CA PRO A 191 22.46 5.54 -8.23
C PRO A 191 21.67 4.25 -8.52
N ASP A 192 21.94 3.61 -9.65
CA ASP A 192 21.05 2.57 -10.20
C ASP A 192 21.44 1.15 -9.78
N TYR A 224 24.31 3.21 -1.40
CA TYR A 224 23.18 2.43 -0.93
C TYR A 224 22.48 3.13 0.24
N SER A 225 21.14 3.16 0.19
CA SER A 225 20.35 3.79 1.25
C SER A 225 19.02 3.06 1.49
N ASN A 226 18.68 2.89 2.77
CA ASN A 226 17.47 2.22 3.17
C ASN A 226 16.77 3.05 4.25
N PHE A 227 16.80 4.36 4.04
CA PHE A 227 16.30 5.36 4.99
C PHE A 227 14.87 5.71 4.59
N PRO A 228 14.00 5.98 5.58
CA PRO A 228 12.68 6.50 5.23
C PRO A 228 12.80 7.89 4.60
N ILE A 229 12.01 8.16 3.57
CA ILE A 229 12.08 9.44 2.86
C ILE A 229 10.71 10.08 2.62
N GLY A 230 9.71 9.69 3.41
CA GLY A 230 8.37 10.27 3.27
C GLY A 230 7.23 9.29 3.09
N GLU A 231 7.57 8.01 2.87
CA GLU A 231 6.57 6.97 2.73
C GLU A 231 5.56 7.00 3.87
N LYS A 232 6.02 7.23 5.08
CA LYS A 232 5.15 7.16 6.25
C LYS A 232 4.04 8.20 6.26
N GLN A 233 4.24 9.34 5.61
CA GLN A 233 3.19 10.33 5.53
C GLN A 233 2.05 9.76 4.67
N ASP A 234 2.41 8.94 3.67
CA ASP A 234 1.43 8.32 2.78
C ASP A 234 0.55 7.35 3.55
N ILE A 235 1.15 6.66 4.51
CA ILE A 235 0.41 5.67 5.29
C ILE A 235 -0.57 6.37 6.20
N TRP A 236 -0.16 7.50 6.80
CA TRP A 236 -1.07 8.31 7.62
C TRP A 236 -2.28 8.67 6.80
N ALA A 237 -2.04 9.22 5.61
CA ALA A 237 -3.14 9.62 4.73
C ALA A 237 -4.05 8.43 4.47
N LEU A 238 -3.46 7.25 4.25
CA LEU A 238 -4.26 6.05 4.01
C LEU A 238 -5.09 5.68 5.23
N GLY A 239 -4.52 5.87 6.42
CA GLY A 239 -5.23 5.60 7.65
C GLY A 239 -6.51 6.38 7.71
N CYS A 240 -6.41 7.67 7.40
CA CYS A 240 -7.58 8.53 7.35
C CYS A 240 -8.63 8.06 6.31
N ILE A 241 -8.17 7.48 5.20
CA ILE A 241 -9.07 6.96 4.18
C ILE A 241 -9.83 5.76 4.70
N LEU A 242 -9.10 4.80 5.29
CA LEU A 242 -9.74 3.63 5.90
C LEU A 242 -10.78 4.06 6.92
N TYR A 243 -10.41 4.99 7.82
CA TYR A 243 -11.35 5.50 8.82
C TYR A 243 -12.57 6.08 8.11
N LEU A 244 -12.32 7.01 7.19
CA LEU A 244 -13.39 7.63 6.39
C LEU A 244 -14.34 6.63 5.69
N LEU A 245 -13.76 5.63 5.02
CA LEU A 245 -14.58 4.65 4.30
C LEU A 245 -15.49 3.87 5.25
N CYS A 246 -15.00 3.59 6.44
CA CYS A 246 -15.77 2.87 7.45
C CYS A 246 -16.84 3.75 8.07
N PHE A 247 -16.45 4.95 8.51
CA PHE A 247 -17.27 5.77 9.40
C PHE A 247 -17.79 7.04 8.75
N ARG A 248 -17.51 7.21 7.45
CA ARG A 248 -18.04 8.32 6.66
C ARG A 248 -17.79 9.72 7.27
N GLN A 249 -16.66 9.85 7.98
CA GLN A 249 -16.14 11.15 8.41
C GLN A 249 -14.63 11.07 8.62
N HIS A 250 -13.96 12.24 8.67
CA HIS A 250 -12.51 12.29 8.88
C HIS A 250 -12.20 12.14 10.38
N PRO A 251 -11.15 11.36 10.74
CA PRO A 251 -10.84 11.10 12.17
C PRO A 251 -10.41 12.31 13.00
N PHE A 252 -10.01 13.37 12.32
CA PHE A 252 -9.59 14.61 12.96
C PHE A 252 -10.41 15.75 12.34
N GLU A 253 -11.20 16.43 13.18
CA GLU A 253 -12.20 17.41 12.71
C GLU A 253 -13.04 16.83 11.56
N LYS A 264 -5.67 14.04 18.18
CA LYS A 264 -6.30 12.90 18.85
C LYS A 264 -7.58 12.49 18.11
N TYR A 265 -7.83 11.18 18.07
CA TYR A 265 -9.01 10.63 17.39
C TYR A 265 -9.59 9.47 18.18
N SER A 266 -10.75 9.00 17.73
CA SER A 266 -11.51 8.02 18.46
C SER A 266 -12.30 7.13 17.51
N ILE A 267 -11.99 5.84 17.52
CA ILE A 267 -12.79 4.87 16.80
C ILE A 267 -14.08 4.69 17.59
N PRO A 268 -15.25 4.74 16.91
CA PRO A 268 -16.52 4.49 17.60
C PRO A 268 -16.49 3.25 18.52
N PRO A 269 -16.81 3.44 19.83
CA PRO A 269 -16.57 2.43 20.87
C PRO A 269 -17.37 1.11 20.74
N HIS A 270 -18.55 1.16 20.10
CA HIS A 270 -19.43 -0.01 19.99
C HIS A 270 -19.66 -0.45 18.53
N ASP A 271 -18.76 -0.04 17.64
CA ASP A 271 -18.75 -0.57 16.27
C ASP A 271 -18.47 -2.08 16.28
N THR A 272 -19.40 -2.88 15.80
CA THR A 272 -19.18 -4.31 15.66
CA THR A 272 -19.13 -4.30 15.62
C THR A 272 -19.18 -4.73 14.20
N GLN A 273 -19.27 -3.78 13.28
CA GLN A 273 -19.23 -4.12 11.87
C GLN A 273 -17.78 -4.05 11.37
N TYR A 274 -17.07 -2.96 11.66
CA TYR A 274 -15.68 -2.74 11.15
C TYR A 274 -14.60 -3.06 12.19
N THR A 275 -14.98 -3.77 13.24
CA THR A 275 -14.05 -4.21 14.28
C THR A 275 -12.77 -4.81 13.69
N VAL A 276 -12.91 -5.54 12.58
CA VAL A 276 -11.77 -6.23 12.01
C VAL A 276 -10.64 -5.28 11.60
N PHE A 277 -10.97 -4.01 11.36
CA PHE A 277 -10.00 -3.00 10.89
C PHE A 277 -9.41 -2.16 12.00
N HIS A 278 -9.97 -2.27 13.20
CA HIS A 278 -9.69 -1.30 14.25
C HIS A 278 -8.20 -1.18 14.53
N SER A 279 -7.51 -2.30 14.66
CA SER A 279 -6.10 -2.29 15.05
C SER A 279 -5.22 -1.71 13.94
N LEU A 280 -5.63 -1.92 12.69
CA LEU A 280 -4.89 -1.41 11.54
C LEU A 280 -5.02 0.12 11.45
N ILE A 281 -6.22 0.66 11.66
CA ILE A 281 -6.40 2.10 11.73
C ILE A 281 -5.44 2.70 12.77
N ARG A 282 -5.53 2.22 14.00
CA ARG A 282 -4.66 2.73 15.07
C ARG A 282 -3.17 2.63 14.69
N ALA A 283 -2.80 1.56 14.02
CA ALA A 283 -1.42 1.32 13.68
C ALA A 283 -0.93 2.26 12.58
N MET A 284 -1.84 2.63 11.68
CA MET A 284 -1.52 3.51 10.56
C MET A 284 -1.59 4.97 10.98
N LEU A 285 -2.26 5.24 12.09
CA LEU A 285 -2.34 6.59 12.63
C LEU A 285 -1.45 6.77 13.88
N GLN A 286 -0.39 5.97 14.03
CA GLN A 286 0.65 6.25 15.00
C GLN A 286 1.18 7.65 14.75
N VAL A 287 1.23 8.44 15.80
CA VAL A 287 1.84 9.75 15.72
C VAL A 287 3.30 9.61 15.31
N ASN A 288 3.99 8.64 15.92
CA ASN A 288 5.42 8.42 15.68
C ASN A 288 5.64 7.69 14.36
N PRO A 289 6.31 8.35 13.39
CA PRO A 289 6.38 7.72 12.04
C PRO A 289 7.20 6.42 11.97
N GLU A 290 8.15 6.24 12.88
CA GLU A 290 8.91 4.99 12.95
C GLU A 290 8.05 3.83 13.44
N GLU A 291 7.11 4.13 14.34
CA GLU A 291 6.18 3.13 14.85
C GLU A 291 5.10 2.83 13.81
N ARG A 292 4.72 3.84 13.03
CA ARG A 292 3.72 3.64 11.98
C ARG A 292 4.14 2.54 11.00
N LEU A 293 3.13 1.84 10.50
CA LEU A 293 3.35 0.72 9.60
C LEU A 293 3.82 1.20 8.24
N SER A 294 4.63 0.38 7.59
CA SER A 294 4.99 0.59 6.20
C SER A 294 3.84 0.08 5.35
N ILE A 295 3.85 0.36 4.06
CA ILE A 295 2.83 -0.20 3.19
C ILE A 295 2.93 -1.73 3.09
N ALA A 296 4.13 -2.28 3.14
CA ALA A 296 4.25 -3.73 3.14
C ALA A 296 3.56 -4.31 4.40
N GLU A 297 3.75 -3.64 5.52
CA GLU A 297 3.13 -4.08 6.78
C GLU A 297 1.61 -3.99 6.73
N VAL A 298 1.11 -2.96 6.06
CA VAL A 298 -0.32 -2.73 5.92
C VAL A 298 -0.90 -3.79 4.97
N VAL A 299 -0.31 -3.92 3.79
CA VAL A 299 -0.78 -4.89 2.79
C VAL A 299 -0.76 -6.34 3.32
N HIS A 300 0.29 -6.69 4.05
CA HIS A 300 0.39 -8.03 4.65
C HIS A 300 -0.85 -8.33 5.49
N GLN A 301 -1.23 -7.39 6.35
CA GLN A 301 -2.36 -7.57 7.23
C GLN A 301 -3.65 -7.55 6.45
N LEU A 302 -3.72 -6.76 5.39
CA LEU A 302 -4.92 -6.73 4.55
C LEU A 302 -5.15 -8.09 3.88
N GLN A 303 -4.07 -8.78 3.53
CA GLN A 303 -4.21 -10.12 2.96
C GLN A 303 -4.71 -11.12 4.00
N GLU A 304 -4.21 -11.02 5.23
CA GLU A 304 -4.67 -11.90 6.34
C GLU A 304 -6.14 -11.66 6.69
N ILE A 305 -6.55 -10.41 6.74
CA ILE A 305 -7.97 -10.08 6.87
C ILE A 305 -8.76 -10.72 5.73
N ALA A 306 -8.28 -10.56 4.49
CA ALA A 306 -8.98 -11.11 3.32
C ALA A 306 -9.14 -12.61 3.45
N ALA A 307 -8.05 -13.29 3.83
CA ALA A 307 -8.10 -14.75 4.01
C ALA A 307 -9.13 -15.14 5.07
N ALA A 308 -9.11 -14.41 6.19
CA ALA A 308 -10.04 -14.64 7.29
C ALA A 308 -11.52 -14.50 6.88
N ARG A 309 -11.82 -13.62 5.93
CA ARG A 309 -13.19 -13.43 5.45
C ARG A 309 -13.49 -14.16 4.13
N ASN A 310 -12.54 -14.98 3.68
CA ASN A 310 -12.64 -15.68 2.40
C ASN A 310 -13.00 -14.75 1.24
N VAL A 311 -12.30 -13.63 1.16
CA VAL A 311 -12.50 -12.64 0.10
C VAL A 311 -11.26 -12.54 -0.79
N ASN A 312 -11.45 -12.51 -2.11
CA ASN A 312 -10.39 -12.08 -3.03
C ASN A 312 -10.39 -10.56 -3.14
N PRO A 313 -9.40 -9.90 -2.52
CA PRO A 313 -9.42 -8.45 -2.48
C PRO A 313 -9.03 -7.76 -3.80
N LYS A 314 -8.52 -8.51 -4.76
CA LYS A 314 -8.09 -7.98 -6.06
C LYS A 314 -9.21 -8.07 -7.05
N SER A 315 -10.29 -8.71 -6.71
CA SER A 315 -11.36 -8.98 -7.63
CA SER A 315 -11.26 -8.86 -7.75
C SER A 315 -12.15 -7.71 -7.87
N PRO A 316 -12.82 -7.63 -9.00
CA PRO A 316 -13.76 -6.54 -9.22
C PRO A 316 -14.75 -6.28 -8.08
N ILE A 317 -14.97 -4.99 -7.80
CA ILE A 317 -15.80 -4.57 -6.69
C ILE A 317 -17.21 -4.41 -7.25
N THR A 318 -17.79 -5.52 -7.66
CA THR A 318 -19.03 -5.52 -8.40
C THR A 318 -20.24 -5.01 -7.59
N GLU A 319 -20.15 -5.02 -6.26
CA GLU A 319 -21.19 -4.41 -5.43
C GLU A 319 -21.33 -2.91 -5.66
N LEU A 320 -20.27 -2.26 -6.15
CA LEU A 320 -20.31 -0.86 -6.48
C LEU A 320 -20.90 -0.62 -7.85
N LEU A 321 -21.03 -1.68 -8.65
CA LEU A 321 -21.44 -1.52 -10.05
C LEU A 321 -22.95 -1.64 -10.27
N GLU A 322 -23.66 -2.26 -9.34
CA GLU A 322 -25.11 -2.37 -9.41
C GLU A 322 -25.75 -1.03 -9.04
N GLN B 1 23.82 -0.65 20.95
CA GLN B 1 22.99 -1.83 20.55
C GLN B 1 22.16 -2.34 21.72
N VAL B 2 20.91 -2.68 21.42
CA VAL B 2 20.06 -3.39 22.37
C VAL B 2 20.70 -4.75 22.66
N GLN B 3 20.48 -5.25 23.87
CA GLN B 3 21.01 -6.54 24.29
C GLN B 3 19.88 -7.56 24.30
N LEU B 4 20.08 -8.67 23.60
CA LEU B 4 19.05 -9.69 23.48
C LEU B 4 19.40 -10.90 24.32
N GLN B 5 18.38 -11.54 24.89
CA GLN B 5 18.56 -12.75 25.70
C GLN B 5 17.63 -13.84 25.21
N GLU B 6 18.20 -14.93 24.69
CA GLU B 6 17.45 -15.98 24.02
C GLU B 6 17.34 -17.26 24.86
N SER B 7 16.19 -17.92 24.78
CA SER B 7 15.96 -19.21 25.46
C SER B 7 15.09 -20.13 24.63
N GLY B 8 15.08 -21.42 25.02
CA GLY B 8 14.25 -22.42 24.37
C GLY B 8 14.99 -23.06 23.21
N GLY B 9 14.28 -23.88 22.43
CA GLY B 9 14.88 -24.56 21.29
C GLY B 9 15.40 -25.95 21.62
N GLY B 10 16.40 -26.40 20.88
CA GLY B 10 16.95 -27.74 21.03
C GLY B 10 16.27 -28.75 20.14
N SER B 11 16.29 -30.02 20.56
CA SER B 11 15.76 -31.11 19.75
C SER B 11 14.33 -31.51 20.12
N VAL B 12 13.58 -31.92 19.11
CA VAL B 12 12.22 -32.39 19.28
C VAL B 12 11.92 -33.42 18.20
N GLN B 13 10.92 -34.27 18.45
CA GLN B 13 10.47 -35.23 17.45
C GLN B 13 9.44 -34.61 16.51
N ALA B 14 9.57 -34.95 15.23
CA ALA B 14 8.70 -34.42 14.18
C ALA B 14 7.24 -34.43 14.61
N GLY B 15 6.52 -33.37 14.25
CA GLY B 15 5.14 -33.19 14.69
C GLY B 15 5.00 -32.56 16.07
N GLY B 16 6.11 -32.42 16.79
CA GLY B 16 6.08 -31.87 18.17
C GLY B 16 6.09 -30.36 18.23
N SER B 17 6.30 -29.82 19.43
CA SER B 17 6.27 -28.38 19.68
C SER B 17 7.48 -27.90 20.49
N LEU B 18 8.05 -26.76 20.09
CA LEU B 18 9.04 -26.07 20.90
C LEU B 18 8.62 -24.61 21.09
N ARG B 19 9.10 -23.99 22.15
CA ARG B 19 8.91 -22.57 22.34
C ARG B 19 10.24 -21.86 22.50
N LEU B 20 10.40 -20.75 21.78
CA LEU B 20 11.55 -19.86 21.99
C LEU B 20 11.08 -18.62 22.70
N SER B 21 11.97 -18.01 23.46
CA SER B 21 11.71 -16.68 23.97
C SER B 21 12.92 -15.78 23.77
N CYS B 22 12.68 -14.47 23.84
CA CYS B 22 13.73 -13.48 23.62
C CYS B 22 13.42 -12.22 24.39
N GLY B 23 14.38 -11.78 25.19
CA GLY B 23 14.24 -10.57 25.98
C GLY B 23 15.14 -9.46 25.47
N ALA B 24 14.58 -8.25 25.36
CA ALA B 24 15.33 -7.06 24.95
C ALA B 24 15.65 -6.20 26.16
N SER B 25 16.85 -5.64 26.19
CA SER B 25 17.29 -4.76 27.29
C SER B 25 16.57 -3.41 27.32
N GLU B 26 15.84 -3.10 26.26
CA GLU B 26 14.97 -1.93 26.25
C GLU B 26 13.90 -2.08 25.21
N TYR B 27 12.97 -1.14 25.22
CA TYR B 27 11.85 -1.20 24.32
C TYR B 27 12.28 -1.06 22.86
N THR B 28 11.69 -1.88 22.01
CA THR B 28 11.71 -1.63 20.59
C THR B 28 10.33 -1.94 20.01
N SER B 29 10.06 -1.35 18.87
CA SER B 29 8.75 -1.39 18.26
C SER B 29 8.43 -2.75 17.68
N ARG B 30 9.46 -3.47 17.24
CA ARG B 30 9.28 -4.75 16.55
C ARG B 30 10.36 -5.77 16.91
N MET B 31 9.93 -7.01 17.16
CA MET B 31 10.84 -8.10 17.44
C MET B 31 10.40 -9.34 16.66
N GLY B 32 11.37 -10.09 16.14
CA GLY B 32 11.05 -11.33 15.41
C GLY B 32 12.13 -12.39 15.52
N TRP B 33 11.94 -13.46 14.74
CA TRP B 33 12.97 -14.48 14.57
C TRP B 33 13.21 -14.68 13.08
N PHE B 34 14.48 -14.81 12.69
CA PHE B 34 14.82 -15.42 11.39
C PHE B 34 15.61 -16.70 11.63
N ARG B 35 15.73 -17.52 10.61
CA ARG B 35 16.51 -18.76 10.72
C ARG B 35 17.41 -18.94 9.52
N GLN B 36 18.41 -19.79 9.69
CA GLN B 36 19.24 -20.18 8.57
C GLN B 36 19.51 -21.69 8.58
N ALA B 37 18.94 -22.36 7.58
CA ALA B 37 19.25 -23.75 7.29
C ALA B 37 20.58 -23.82 6.52
N PRO B 38 21.24 -25.00 6.50
CA PRO B 38 22.56 -25.08 5.88
C PRO B 38 22.55 -24.74 4.38
N GLY B 39 23.48 -23.88 3.96
CA GLY B 39 23.58 -23.44 2.57
C GLY B 39 22.47 -22.50 2.11
N ALA B 40 21.46 -22.28 2.94
CA ALA B 40 20.29 -21.50 2.52
C ALA B 40 20.46 -20.03 2.83
N GLU B 41 19.58 -19.22 2.24
CA GLU B 41 19.48 -17.80 2.57
C GLU B 41 18.91 -17.65 3.97
N ARG B 42 19.18 -16.53 4.63
CA ARG B 42 18.48 -16.20 5.87
C ARG B 42 16.97 -16.16 5.57
N GLU B 43 16.14 -16.66 6.48
CA GLU B 43 14.70 -16.71 6.26
C GLU B 43 13.91 -16.14 7.41
N GLY B 44 13.29 -14.99 7.17
CA GLY B 44 12.42 -14.38 8.15
C GLY B 44 11.25 -15.31 8.41
N VAL B 45 10.95 -15.52 9.69
CA VAL B 45 10.01 -16.54 10.11
C VAL B 45 8.76 -15.90 10.72
N ALA B 46 8.94 -15.11 11.78
CA ALA B 46 7.83 -14.43 12.49
C ALA B 46 8.26 -13.11 13.09
N CYS B 47 7.33 -12.16 13.18
CA CYS B 47 7.64 -10.81 13.70
C CYS B 47 6.40 -10.21 14.36
N ILE B 48 6.60 -9.53 15.49
CA ILE B 48 5.48 -8.86 16.16
C ILE B 48 5.70 -7.35 16.23
N HIS B 49 4.64 -6.61 15.96
CA HIS B 49 4.63 -5.16 16.12
C HIS B 49 4.03 -4.87 17.50
N ARG B 50 4.86 -4.41 18.42
CA ARG B 50 4.44 -4.32 19.82
C ARG B 50 3.20 -3.45 20.10
N GLN B 51 3.18 -2.20 19.64
CA GLN B 51 2.05 -1.31 20.01
C GLN B 51 0.72 -1.77 19.47
N SER B 52 0.72 -2.55 18.40
CA SER B 52 -0.52 -2.96 17.75
C SER B 52 -0.87 -4.39 18.07
N ASN B 53 0.13 -5.14 18.56
CA ASN B 53 0.05 -6.58 18.70
C ASN B 53 -0.18 -7.35 17.38
N LEU B 54 0.07 -6.70 16.25
CA LEU B 54 -0.13 -7.32 14.97
C LEU B 54 1.08 -8.20 14.71
N SER B 55 0.87 -9.33 14.01
CA SER B 55 1.96 -10.29 13.84
C SER B 55 2.05 -10.86 12.44
N TYR B 56 3.29 -11.08 12.03
CA TYR B 56 3.61 -11.39 10.66
C TYR B 56 4.37 -12.72 10.62
N TYR B 57 3.98 -13.60 9.68
CA TYR B 57 4.66 -14.89 9.45
C TYR B 57 5.03 -15.10 7.98
N SER B 58 6.05 -15.92 7.76
CA SER B 58 6.41 -16.35 6.43
C SER B 58 5.42 -17.39 6.01
N ASP B 59 5.30 -17.63 4.71
CA ASP B 59 4.40 -18.67 4.19
C ASP B 59 4.76 -20.05 4.74
N SER B 60 6.05 -20.30 4.94
CA SER B 60 6.53 -21.59 5.40
C SER B 60 5.95 -21.99 6.74
N VAL B 61 5.71 -21.03 7.62
CA VAL B 61 5.33 -21.35 9.02
C VAL B 61 3.97 -20.82 9.47
N ARG B 62 3.32 -20.02 8.65
CA ARG B 62 1.99 -19.53 8.98
C ARG B 62 1.07 -20.72 9.27
N GLY B 63 0.18 -20.55 10.24
CA GLY B 63 -0.71 -21.62 10.68
C GLY B 63 -0.12 -22.61 11.68
N ARG B 64 1.19 -22.61 11.86
CA ARG B 64 1.86 -23.56 12.76
C ARG B 64 2.61 -22.85 13.89
N PHE B 65 3.13 -21.64 13.61
CA PHE B 65 3.81 -20.85 14.63
C PHE B 65 2.88 -19.73 15.08
N THR B 66 3.09 -19.28 16.31
CA THR B 66 2.40 -18.09 16.84
C THR B 66 3.40 -17.28 17.65
N ILE B 67 3.58 -16.02 17.24
CA ILE B 67 4.43 -15.08 17.94
C ILE B 67 3.55 -14.22 18.83
N SER B 68 4.04 -13.92 20.01
CA SER B 68 3.30 -13.12 20.97
C SER B 68 4.30 -12.45 21.88
N GLN B 69 3.82 -11.57 22.76
CA GLN B 69 4.71 -10.78 23.62
C GLN B 69 4.15 -10.67 25.02
N ASP B 70 4.97 -10.17 25.93
CA ASP B 70 4.52 -9.96 27.31
C ASP B 70 3.83 -8.62 27.42
N ASN B 71 3.04 -8.49 28.47
CA ASN B 71 2.35 -7.26 28.80
C ASN B 71 3.31 -6.05 28.88
N ALA B 72 4.52 -6.28 29.38
CA ALA B 72 5.53 -5.23 29.56
C ALA B 72 6.27 -4.85 28.26
N LYS B 73 5.99 -5.57 27.18
CA LYS B 73 6.57 -5.30 25.86
C LYS B 73 8.11 -5.32 25.85
N THR B 74 8.67 -6.22 26.65
CA THR B 74 10.12 -6.43 26.77
C THR B 74 10.57 -7.75 26.09
N THR B 75 9.62 -8.65 25.85
CA THR B 75 9.92 -10.02 25.48
C THR B 75 8.97 -10.46 24.37
N ALA B 76 9.48 -11.31 23.47
CA ALA B 76 8.64 -12.02 22.52
C ALA B 76 8.73 -13.52 22.75
N PHE B 77 7.65 -14.22 22.40
CA PHE B 77 7.58 -15.66 22.53
C PHE B 77 7.24 -16.23 21.16
N LEU B 78 7.91 -17.32 20.78
CA LEU B 78 7.56 -18.04 19.56
C LEU B 78 7.18 -19.47 19.89
N LEU B 79 5.90 -19.80 19.69
CA LEU B 79 5.44 -21.17 19.85
C LEU B 79 5.47 -21.85 18.48
N MET B 80 6.24 -22.92 18.37
CA MET B 80 6.40 -23.65 17.12
C MET B 80 5.77 -25.02 17.27
N SER B 81 4.66 -25.26 16.55
CA SER B 81 3.98 -26.57 16.58
C SER B 81 4.12 -27.28 15.24
N SER B 82 3.72 -28.54 15.21
CA SER B 82 3.69 -29.34 13.97
C SER B 82 5.01 -29.21 13.21
N LEU B 83 6.09 -29.32 13.98
CA LEU B 83 7.44 -29.14 13.46
C LEU B 83 7.84 -30.27 12.53
N LYS B 84 8.68 -29.93 11.54
CA LYS B 84 9.06 -30.85 10.47
C LYS B 84 10.57 -30.70 10.22
N PRO B 85 11.21 -31.70 9.59
CA PRO B 85 12.66 -31.59 9.30
C PRO B 85 13.04 -30.28 8.56
N GLU B 86 12.15 -29.80 7.70
CA GLU B 86 12.31 -28.52 7.03
CA GLU B 86 12.29 -28.54 7.02
C GLU B 86 12.56 -27.39 8.03
N ASP B 87 12.13 -27.56 9.29
CA ASP B 87 12.26 -26.50 10.31
C ASP B 87 13.55 -26.61 11.12
N THR B 88 14.39 -27.58 10.77
CA THR B 88 15.71 -27.67 11.38
C THR B 88 16.56 -26.48 10.91
N ALA B 89 17.04 -25.68 11.84
CA ALA B 89 17.86 -24.50 11.51
C ALA B 89 18.38 -23.86 12.79
N ILE B 90 19.29 -22.90 12.66
CA ILE B 90 19.59 -22.03 13.79
C ILE B 90 18.63 -20.87 13.74
N TYR B 91 17.97 -20.62 14.86
CA TYR B 91 16.95 -19.56 14.96
C TYR B 91 17.53 -18.39 15.74
N TYR B 92 17.47 -17.20 15.13
CA TYR B 92 18.07 -16.00 15.69
C TYR B 92 17.00 -14.96 16.00
N CYS B 93 16.96 -14.52 17.25
CA CYS B 93 16.09 -13.41 17.62
C CYS B 93 16.63 -12.12 16.99
N ALA B 94 15.73 -11.18 16.70
CA ALA B 94 16.16 -9.93 16.06
C ALA B 94 15.19 -8.80 16.30
N THR B 95 15.69 -7.57 16.25
CA THR B 95 14.82 -6.41 16.17
C THR B 95 14.86 -5.92 14.74
N THR B 96 13.77 -5.26 14.33
CA THR B 96 13.68 -4.75 12.96
C THR B 96 12.84 -3.46 12.94
N THR B 97 13.02 -2.67 11.88
CA THR B 97 12.24 -1.47 11.67
C THR B 97 10.96 -1.78 10.91
N ASP B 98 10.86 -3.02 10.39
CA ASP B 98 9.78 -3.36 9.49
C ASP B 98 9.55 -4.87 9.46
N CYS B 99 8.43 -5.29 10.01
CA CYS B 99 8.11 -6.72 10.12
C CYS B 99 7.80 -7.39 8.81
N ALA B 100 7.20 -6.68 7.87
CA ALA B 100 6.86 -7.27 6.57
C ALA B 100 8.13 -7.45 5.76
N ALA B 101 8.99 -6.43 5.74
CA ALA B 101 10.31 -6.55 5.14
C ALA B 101 11.13 -7.65 5.82
N PHE B 102 11.01 -7.72 7.13
CA PHE B 102 11.73 -8.71 7.90
C PHE B 102 11.32 -10.12 7.53
N VAL B 103 10.01 -10.33 7.42
CA VAL B 103 9.45 -11.63 7.07
C VAL B 103 9.82 -12.04 5.65
N GLU B 104 10.17 -11.07 4.81
CA GLU B 104 10.46 -11.34 3.43
C GLU B 104 11.96 -11.45 3.14
N ARG B 105 12.78 -10.76 3.93
CA ARG B 105 14.22 -10.64 3.66
C ARG B 105 15.13 -10.85 4.86
N ALA B 106 14.56 -10.83 6.07
CA ALA B 106 15.34 -10.89 7.30
C ALA B 106 16.26 -9.68 7.45
N THR B 107 15.81 -8.53 6.96
CA THR B 107 16.48 -7.26 7.22
C THR B 107 16.25 -6.88 8.69
N ALA B 108 17.34 -6.76 9.45
CA ALA B 108 17.27 -6.56 10.91
C ALA B 108 18.14 -5.39 11.40
N ILE B 109 17.77 -4.81 12.53
CA ILE B 109 18.60 -3.82 13.21
C ILE B 109 19.76 -4.53 13.90
N THR B 110 19.42 -5.50 14.73
CA THR B 110 20.40 -6.25 15.47
C THR B 110 19.84 -7.65 15.69
N ALA B 111 20.72 -8.64 15.83
CA ALA B 111 20.34 -10.04 15.94
C ALA B 111 21.06 -10.70 17.11
N GLY B 112 20.39 -11.67 17.73
CA GLY B 112 20.98 -12.47 18.80
C GLY B 112 21.99 -13.48 18.27
N GLN B 113 22.60 -14.22 19.19
CA GLN B 113 23.64 -15.21 18.86
CA GLN B 113 23.66 -15.19 18.82
C GLN B 113 23.07 -16.49 18.29
N GLY B 114 21.77 -16.69 18.45
CA GLY B 114 21.08 -17.82 17.83
C GLY B 114 20.84 -18.99 18.75
N THR B 115 19.83 -19.78 18.41
CA THR B 115 19.57 -21.03 19.09
C THR B 115 19.43 -22.11 18.03
N GLN B 116 19.92 -23.31 18.32
CA GLN B 116 19.76 -24.42 17.41
C GLN B 116 18.40 -25.04 17.61
N VAL B 117 17.68 -25.27 16.51
CA VAL B 117 16.50 -26.10 16.55
C VAL B 117 16.67 -27.28 15.59
N THR B 118 16.55 -28.50 16.11
CA THR B 118 16.65 -29.71 15.29
C THR B 118 15.41 -30.57 15.47
N VAL B 119 14.89 -31.06 14.34
CA VAL B 119 13.66 -31.83 14.29
C VAL B 119 13.98 -33.20 13.67
N SER B 120 13.75 -34.27 14.43
CA SER B 120 14.13 -35.61 13.99
C SER B 120 12.91 -36.37 13.49
N SER B 121 13.07 -37.08 12.37
CA SER B 121 12.10 -38.11 11.94
C SER B 121 12.74 -39.47 12.02
#